data_7HOL
#
_entry.id   7HOL
#
_cell.length_a   42.551
_cell.length_b   42.551
_cell.length_c   216.797
_cell.angle_alpha   90.00
_cell.angle_beta   90.00
_cell.angle_gamma   90.00
#
_symmetry.space_group_name_H-M   'P 43 2 2'
#
loop_
_entity.id
_entity.type
_entity.pdbx_description
1 polymer 'Serine protease subunit NS2B'
2 polymer 'Serine protease NS3'
3 non-polymer 'DIMETHYL SULFOXIDE'
4 non-polymer 3-fluoro-N-(2-hydroxy-6-methylphenyl)pyridine-4-carboxamide
5 water water
#
loop_
_entity_poly.entity_id
_entity_poly.type
_entity_poly.pdbx_seq_one_letter_code
_entity_poly.pdbx_strand_id
1 'polypeptide(L)' SMGKSVDMYIERAGDITWEKDAEVTGNSPRLDVALDESGDFSLVEE A
2 'polypeptide(L)'
;MKEVKKGETTDGVYRVMTRRLLGSTQVGVGVMQEGVFHTMWHVTKGAALRSGEGRLDPYWGDVKQDLVSYCGPWKLDAAW
DGLSEVQLLAVPPGERAKNIQTLPGIFKTKDGDIGAVALDYPAGTSGSPILDKCGRVIGLYGNGVVIKNGSYVSAITQGK
REEETPVE
;
B
#
loop_
_chem_comp.id
_chem_comp.type
_chem_comp.name
_chem_comp.formula
DMS non-polymer 'DIMETHYL SULFOXIDE' 'C2 H6 O S'
ZUC non-polymer 3-fluoro-N-(2-hydroxy-6-methylphenyl)pyridine-4-carboxamide 'C13 H11 F N2 O2'
#
# COMPACT_ATOMS: atom_id res chain seq x y z
N ASP A 7 14.87 9.37 -11.58
CA ASP A 7 15.48 8.21 -10.96
C ASP A 7 14.98 8.02 -9.51
N MET A 8 14.33 6.91 -9.30
CA MET A 8 13.71 6.64 -8.01
C MET A 8 14.59 5.87 -7.05
N TYR A 9 14.51 6.23 -5.77
CA TYR A 9 15.32 5.58 -4.75
C TYR A 9 14.50 5.31 -3.49
N ILE A 10 14.92 4.34 -2.68
CA ILE A 10 14.16 4.02 -1.46
C ILE A 10 14.96 4.35 -0.20
N GLU A 11 14.23 4.69 0.88
CA GLU A 11 14.85 5.08 2.15
C GLU A 11 14.08 4.42 3.27
N ARG A 12 14.76 3.75 4.23
CA ARG A 12 14.02 3.05 5.29
C ARG A 12 13.24 4.02 6.15
N ALA A 13 11.98 3.67 6.52
CA ALA A 13 11.17 4.52 7.39
C ALA A 13 10.76 3.86 8.71
N GLY A 14 10.93 2.55 8.84
CA GLY A 14 10.58 1.87 10.08
C GLY A 14 10.42 0.38 10.02
N ASP A 15 10.15 -0.23 11.17
CA ASP A 15 9.82 -1.65 11.27
C ASP A 15 8.30 -1.80 11.05
N ILE A 16 7.88 -3.01 10.65
CA ILE A 16 6.46 -3.28 10.52
C ILE A 16 6.02 -4.06 11.75
N THR A 17 5.36 -3.35 12.65
CA THR A 17 4.91 -3.92 13.92
C THR A 17 3.57 -3.33 14.30
N TRP A 18 2.70 -4.12 14.97
CA TRP A 18 1.43 -3.61 15.51
C TRP A 18 1.73 -2.74 16.74
N GLU A 19 1.08 -1.56 16.88
CA GLU A 19 1.37 -0.69 18.03
C GLU A 19 0.22 -0.77 18.97
N LYS A 20 0.46 -1.16 20.23
CA LYS A 20 -0.64 -1.23 21.20
C LYS A 20 -1.10 0.19 21.56
N ASP A 21 -2.42 0.41 21.70
CA ASP A 21 -2.93 1.76 21.97
C ASP A 21 -2.47 2.80 20.93
N ALA A 22 -2.62 2.45 19.64
CA ALA A 22 -2.35 3.38 18.55
C ALA A 22 -3.60 4.29 18.48
N GLU A 23 -3.53 5.44 17.75
CA GLU A 23 -4.71 6.28 17.55
C GLU A 23 -5.75 5.46 16.75
N VAL A 24 -6.99 5.40 17.21
CA VAL A 24 -8.06 4.62 16.54
C VAL A 24 -9.05 5.56 15.83
N THR A 25 -9.18 5.45 14.46
CA THR A 25 -10.08 6.32 13.71
C THR A 25 -10.59 5.69 12.39
N GLY A 26 -11.48 6.37 11.69
CA GLY A 26 -12.00 5.89 10.42
C GLY A 26 -13.30 5.12 10.57
N ASN A 27 -14.19 5.25 9.57
CA ASN A 27 -15.44 4.50 9.59
C ASN A 27 -15.27 3.22 8.74
N SER A 28 -16.35 2.42 8.56
CA SER A 28 -16.29 1.13 7.87
C SER A 28 -17.36 1.01 6.81
N PRO A 29 -17.21 1.79 5.72
CA PRO A 29 -18.29 1.84 4.73
C PRO A 29 -18.38 0.57 3.90
N ARG A 30 -19.61 0.16 3.52
CA ARG A 30 -19.85 -0.98 2.64
C ARG A 30 -20.29 -0.39 1.29
N LEU A 31 -19.42 -0.51 0.26
CA LEU A 31 -19.61 0.12 -1.04
C LEU A 31 -19.64 -0.85 -2.20
N ASP A 32 -20.52 -0.62 -3.19
CA ASP A 32 -20.53 -1.44 -4.39
C ASP A 32 -19.57 -0.79 -5.35
N VAL A 33 -18.55 -1.52 -5.81
CA VAL A 33 -17.57 -0.92 -6.69
C VAL A 33 -17.27 -1.80 -7.89
N ALA A 34 -16.69 -1.18 -8.92
CA ALA A 34 -16.28 -1.84 -10.14
C ALA A 34 -14.77 -1.59 -10.33
N LEU A 35 -14.04 -2.55 -10.91
CA LEU A 35 -12.60 -2.40 -11.10
C LEU A 35 -12.35 -2.56 -12.59
N ASP A 36 -11.78 -1.54 -13.25
CA ASP A 36 -11.59 -1.61 -14.69
C ASP A 36 -10.23 -2.20 -15.07
N GLU A 37 -10.00 -2.42 -16.36
CA GLU A 37 -8.76 -3.00 -16.84
C GLU A 37 -7.53 -2.14 -16.51
N SER A 38 -7.71 -0.83 -16.28
CA SER A 38 -6.58 0.04 -15.93
C SER A 38 -6.31 0.07 -14.41
N GLY A 39 -7.01 -0.76 -13.63
CA GLY A 39 -6.78 -0.82 -12.19
C GLY A 39 -7.44 0.31 -11.43
N ASP A 40 -8.42 0.99 -12.06
CA ASP A 40 -9.13 2.06 -11.36
C ASP A 40 -10.44 1.54 -10.78
N PHE A 41 -10.72 1.87 -9.51
CA PHE A 41 -11.99 1.54 -8.90
C PHE A 41 -13.00 2.66 -9.17
N SER A 42 -14.27 2.30 -9.32
CA SER A 42 -15.32 3.31 -9.44
C SER A 42 -16.52 2.89 -8.62
N LEU A 43 -17.34 3.87 -8.16
CA LEU A 43 -18.54 3.52 -7.41
C LEU A 43 -19.66 3.10 -8.36
N VAL A 44 -20.37 2.03 -8.02
CA VAL A 44 -21.55 1.59 -8.78
C VAL A 44 -22.76 2.01 -7.95
N GLU A 45 -23.73 2.70 -8.53
CA GLU A 45 -24.92 3.13 -7.77
C GLU A 45 -26.23 2.52 -8.26
N GLY B 7 22.81 -2.39 -1.35
CA GLY B 7 21.82 -1.52 -0.70
C GLY B 7 21.23 -2.09 0.58
N GLU B 8 20.33 -1.34 1.23
CA GLU B 8 19.68 -1.82 2.45
C GLU B 8 18.62 -2.84 2.07
N THR B 9 18.71 -4.01 2.67
CA THR B 9 17.78 -5.10 2.41
C THR B 9 17.03 -5.55 3.65
N THR B 10 17.21 -4.84 4.78
CA THR B 10 16.56 -5.17 6.01
C THR B 10 15.05 -5.09 5.83
N ASP B 11 14.32 -6.05 6.36
CA ASP B 11 12.86 -6.03 6.35
C ASP B 11 12.37 -4.69 6.93
N GLY B 12 11.31 -4.15 6.41
CA GLY B 12 10.71 -2.93 6.94
C GLY B 12 9.93 -2.15 5.93
N VAL B 13 9.41 -0.98 6.31
CA VAL B 13 8.68 -0.06 5.44
C VAL B 13 9.64 1.04 4.94
N TYR B 14 9.56 1.39 3.65
CA TYR B 14 10.46 2.34 3.02
C TYR B 14 9.70 3.40 2.25
N ARG B 15 10.25 4.60 2.17
CA ARG B 15 9.73 5.67 1.30
C ARG B 15 10.31 5.45 -0.10
N VAL B 16 9.55 5.75 -1.14
CA VAL B 16 9.98 5.74 -2.54
C VAL B 16 10.05 7.21 -2.98
N MET B 17 11.26 7.67 -3.28
CA MET B 17 11.52 9.07 -3.59
C MET B 17 11.97 9.29 -5.02
N THR B 18 11.80 10.53 -5.53
CA THR B 18 12.38 10.88 -6.83
C THR B 18 13.04 12.25 -6.75
N ARG B 19 14.08 12.50 -7.58
CA ARG B 19 14.66 13.83 -7.68
C ARG B 19 14.32 14.52 -9.02
N ARG B 20 13.40 13.95 -9.82
CA ARG B 20 13.01 14.49 -11.12
C ARG B 20 12.26 15.80 -10.99
N LEU B 21 11.38 15.94 -9.97
CA LEU B 21 10.61 17.17 -9.76
C LEU B 21 11.41 18.17 -8.87
N LEU B 22 10.71 19.13 -8.20
CA LEU B 22 11.38 20.09 -7.34
C LEU B 22 11.89 19.35 -6.09
N GLY B 23 13.15 19.61 -5.70
CA GLY B 23 13.81 18.99 -4.57
C GLY B 23 13.72 17.46 -4.57
N SER B 24 13.43 16.88 -3.41
CA SER B 24 13.27 15.42 -3.29
C SER B 24 11.84 15.19 -2.93
N THR B 25 11.13 14.45 -3.78
CA THR B 25 9.70 14.26 -3.62
C THR B 25 9.36 12.81 -3.33
N GLN B 26 8.47 12.59 -2.33
CA GLN B 26 8.05 11.22 -2.04
C GLN B 26 6.88 10.87 -2.93
N VAL B 27 7.10 9.90 -3.81
CA VAL B 27 5.99 9.46 -4.69
C VAL B 27 5.19 8.27 -4.11
N GLY B 28 5.74 7.56 -3.14
CA GLY B 28 5.01 6.47 -2.49
C GLY B 28 5.82 5.79 -1.41
N VAL B 29 5.42 4.56 -1.07
CA VAL B 29 5.91 3.76 0.04
C VAL B 29 5.89 2.28 -0.38
N GLY B 30 6.72 1.48 0.27
CA GLY B 30 6.72 0.04 0.01
C GLY B 30 7.23 -0.80 1.16
N VAL B 31 7.12 -2.12 1.02
CA VAL B 31 7.51 -3.11 2.01
C VAL B 31 8.64 -3.99 1.55
N MET B 32 9.72 -4.12 2.35
CA MET B 32 10.81 -5.04 2.12
C MET B 32 10.53 -6.28 2.99
N GLN B 33 10.41 -7.44 2.38
CA GLN B 33 10.16 -8.67 3.10
C GLN B 33 10.81 -9.80 2.35
N GLU B 34 11.65 -10.59 3.03
CA GLU B 34 12.33 -11.76 2.46
C GLU B 34 13.13 -11.42 1.20
N GLY B 35 13.77 -10.26 1.22
CA GLY B 35 14.64 -9.78 0.15
C GLY B 35 13.92 -9.24 -1.09
N VAL B 36 12.59 -9.07 -0.99
CA VAL B 36 11.72 -8.56 -2.07
C VAL B 36 11.05 -7.23 -1.66
N PHE B 37 11.09 -6.25 -2.57
CA PHE B 37 10.46 -4.96 -2.34
C PHE B 37 9.10 -4.92 -3.01
N HIS B 38 8.08 -4.57 -2.28
CA HIS B 38 6.68 -4.63 -2.69
C HIS B 38 6.07 -3.24 -2.66
N THR B 39 5.45 -2.80 -3.76
CA THR B 39 4.79 -1.49 -3.76
C THR B 39 3.63 -1.50 -4.78
N MET B 40 2.94 -0.37 -4.91
CA MET B 40 1.81 -0.32 -5.87
C MET B 40 2.38 0.08 -7.23
N TRP B 41 1.83 -0.50 -8.30
N TRP B 41 1.82 -0.50 -8.31
N TRP B 41 1.83 -0.50 -8.30
N TRP B 41 1.82 -0.50 -8.31
CA TRP B 41 2.28 -0.19 -9.65
CA TRP B 41 2.24 -0.20 -9.67
CA TRP B 41 2.28 -0.19 -9.65
CA TRP B 41 2.24 -0.20 -9.67
C TRP B 41 2.25 1.30 -9.96
C TRP B 41 2.23 1.29 -9.98
C TRP B 41 2.25 1.30 -9.96
C TRP B 41 2.23 1.29 -9.98
N HIS B 42 1.18 2.01 -9.56
CA HIS B 42 1.08 3.45 -9.89
C HIS B 42 2.17 4.32 -9.24
N VAL B 43 2.85 3.79 -8.20
CA VAL B 43 3.93 4.56 -7.55
C VAL B 43 5.16 4.62 -8.46
N THR B 44 5.59 3.46 -8.98
CA THR B 44 6.82 3.40 -9.78
C THR B 44 6.64 3.29 -11.28
N LYS B 45 5.43 2.92 -11.70
CA LYS B 45 5.09 2.61 -13.10
C LYS B 45 6.01 1.47 -13.64
N GLY B 46 6.56 0.64 -12.76
CA GLY B 46 7.42 -0.47 -13.17
C GLY B 46 8.87 -0.09 -13.41
N ALA B 47 9.28 1.14 -13.05
CA ALA B 47 10.68 1.55 -13.25
C ALA B 47 11.63 0.89 -12.24
N ALA B 48 12.91 0.79 -12.59
CA ALA B 48 13.93 0.30 -11.65
C ALA B 48 14.13 1.29 -10.49
N LEU B 49 14.56 0.80 -9.34
CA LEU B 49 14.77 1.61 -8.14
C LEU B 49 16.22 1.50 -7.66
N ARG B 50 16.66 2.51 -6.95
CA ARG B 50 17.99 2.54 -6.36
C ARG B 50 17.85 2.36 -4.82
N SER B 51 18.79 1.63 -4.20
CA SER B 51 18.90 1.53 -2.73
C SER B 51 20.37 1.77 -2.45
N GLY B 52 20.77 3.00 -2.09
CA GLY B 52 22.18 3.32 -1.92
C GLY B 52 22.87 3.23 -3.27
N GLU B 53 23.93 2.41 -3.37
CA GLU B 53 24.58 2.17 -4.65
C GLU B 53 24.05 0.91 -5.39
N GLY B 54 23.01 0.27 -4.85
CA GLY B 54 22.42 -0.93 -5.44
C GLY B 54 21.21 -0.64 -6.30
N ARG B 55 20.90 -1.56 -7.23
CA ARG B 55 19.76 -1.39 -8.12
C ARG B 55 18.75 -2.49 -7.83
N LEU B 56 17.45 -2.15 -7.79
CA LEU B 56 16.40 -3.13 -7.62
C LEU B 56 15.66 -3.16 -8.96
N ASP B 57 15.60 -4.32 -9.61
CA ASP B 57 14.89 -4.43 -10.87
C ASP B 57 13.50 -5.06 -10.65
N PRO B 58 12.49 -4.63 -11.42
CA PRO B 58 11.16 -5.25 -11.30
C PRO B 58 11.23 -6.72 -11.66
N TYR B 59 10.42 -7.48 -10.93
CA TYR B 59 10.36 -8.92 -11.16
C TYR B 59 8.94 -9.34 -11.57
N TRP B 60 7.92 -8.81 -10.99
CA TRP B 60 6.52 -9.16 -11.30
C TRP B 60 5.69 -7.89 -11.17
N GLY B 61 4.67 -7.73 -12.01
CA GLY B 61 3.76 -6.59 -11.86
C GLY B 61 2.46 -6.81 -12.60
N ASP B 62 1.45 -6.04 -12.21
CA ASP B 62 0.13 -6.18 -12.85
C ASP B 62 -0.62 -4.88 -12.64
N VAL B 63 -0.92 -4.17 -13.73
CA VAL B 63 -1.64 -2.87 -13.64
C VAL B 63 -3.02 -3.00 -13.04
N LYS B 64 -3.74 -4.09 -13.38
CA LYS B 64 -5.13 -4.19 -12.85
C LYS B 64 -5.15 -4.40 -11.34
N GLN B 65 -4.24 -5.24 -10.83
CA GLN B 65 -4.10 -5.41 -9.39
C GLN B 65 -3.44 -4.18 -8.79
N ASP B 66 -2.72 -3.37 -9.58
CA ASP B 66 -1.98 -2.19 -9.12
C ASP B 66 -0.90 -2.62 -8.14
N LEU B 67 -0.14 -3.65 -8.47
CA LEU B 67 0.96 -4.12 -7.62
C LEU B 67 2.22 -4.40 -8.41
N VAL B 68 3.35 -4.37 -7.75
CA VAL B 68 4.66 -4.66 -8.36
C VAL B 68 5.61 -5.17 -7.27
N SER B 69 6.45 -6.14 -7.63
CA SER B 69 7.51 -6.64 -6.75
C SER B 69 8.85 -6.51 -7.46
N TYR B 70 9.89 -6.32 -6.65
CA TYR B 70 11.27 -6.15 -7.15
C TYR B 70 12.19 -7.20 -6.48
N CYS B 71 13.17 -7.73 -7.24
CA CYS B 71 14.19 -8.73 -6.78
C CYS B 71 13.67 -10.15 -6.62
N GLY B 72 12.36 -10.33 -6.65
CA GLY B 72 11.81 -11.66 -6.51
C GLY B 72 10.30 -11.62 -6.56
N PRO B 73 9.66 -12.80 -6.43
CA PRO B 73 8.21 -12.85 -6.49
C PRO B 73 7.52 -12.26 -5.29
N TRP B 74 6.25 -11.90 -5.44
CA TRP B 74 5.43 -11.29 -4.36
C TRP B 74 5.43 -12.24 -3.16
N LYS B 75 5.78 -11.75 -1.96
CA LYS B 75 5.91 -12.63 -0.79
C LYS B 75 4.76 -12.47 0.21
N LEU B 76 3.98 -11.41 0.13
CA LEU B 76 2.95 -11.09 1.14
C LEU B 76 1.69 -11.89 0.91
N ASP B 77 1.29 -12.69 1.93
CA ASP B 77 0.15 -13.56 1.74
C ASP B 77 -0.90 -13.52 2.84
N ALA B 78 -0.69 -12.74 3.88
CA ALA B 78 -1.70 -12.62 4.93
C ALA B 78 -2.96 -11.93 4.41
N ALA B 79 -4.11 -12.29 5.01
CA ALA B 79 -5.39 -11.75 4.58
C ALA B 79 -6.17 -11.20 5.75
N TRP B 80 -6.95 -10.12 5.53
CA TRP B 80 -7.84 -9.57 6.56
C TRP B 80 -8.86 -10.67 6.92
N ASP B 81 -9.07 -10.88 8.24
CA ASP B 81 -10.02 -11.91 8.69
C ASP B 81 -11.50 -11.51 8.50
N GLY B 82 -11.78 -10.28 8.09
CA GLY B 82 -13.17 -9.84 7.87
C GLY B 82 -13.92 -9.43 9.14
N LEU B 83 -13.27 -9.48 10.30
CA LEU B 83 -13.92 -9.18 11.57
C LEU B 83 -13.20 -8.13 12.40
N SER B 84 -11.85 -8.19 12.42
CA SER B 84 -11.05 -7.42 13.37
C SER B 84 -10.53 -6.09 12.88
N GLU B 85 -10.17 -5.20 13.80
CA GLU B 85 -9.52 -3.95 13.44
C GLU B 85 -8.11 -4.26 12.92
N VAL B 86 -7.64 -3.38 12.07
CA VAL B 86 -6.31 -3.50 11.49
C VAL B 86 -5.58 -2.17 11.74
N GLN B 87 -4.27 -2.08 11.38
CA GLN B 87 -3.56 -0.85 11.46
C GLN B 87 -2.98 -0.50 10.11
N LEU B 88 -3.16 0.74 9.73
CA LEU B 88 -2.43 1.31 8.60
C LEU B 88 -1.12 1.88 9.16
N LEU B 89 0.03 1.45 8.63
CA LEU B 89 1.31 1.98 9.01
C LEU B 89 1.58 3.07 7.99
N ALA B 90 0.96 4.25 8.21
CA ALA B 90 1.05 5.39 7.32
C ALA B 90 2.41 6.00 7.33
N VAL B 91 3.00 6.19 6.14
CA VAL B 91 4.28 6.85 5.99
C VAL B 91 4.06 8.07 5.11
N PRO B 92 3.56 9.20 5.65
CA PRO B 92 3.30 10.37 4.80
C PRO B 92 4.54 11.15 4.38
N PRO B 93 4.46 11.90 3.28
CA PRO B 93 5.66 12.64 2.82
C PRO B 93 6.15 13.62 3.89
N GLY B 94 7.45 13.54 4.21
CA GLY B 94 8.10 14.42 5.20
C GLY B 94 7.73 14.18 6.65
N GLU B 95 6.96 13.11 6.92
CA GLU B 95 6.44 12.83 8.27
C GLU B 95 6.80 11.46 8.80
N ARG B 96 6.93 11.31 10.12
CA ARG B 96 7.30 10.03 10.73
C ARG B 96 6.27 8.93 10.45
N ALA B 97 6.73 7.63 10.33
CA ALA B 97 5.80 6.48 10.18
C ALA B 97 4.89 6.46 11.45
N LYS B 98 3.59 6.27 11.25
CA LYS B 98 2.58 6.32 12.32
C LYS B 98 1.56 5.25 12.13
N ASN B 99 1.28 4.47 13.18
CA ASN B 99 0.25 3.43 13.16
C ASN B 99 -1.11 4.03 13.43
N ILE B 100 -2.11 3.71 12.59
CA ILE B 100 -3.48 4.15 12.73
C ILE B 100 -4.37 2.92 12.73
N GLN B 101 -5.13 2.71 13.81
CA GLN B 101 -6.02 1.56 13.92
C GLN B 101 -7.43 1.88 13.42
N THR B 102 -8.07 0.92 12.71
CA THR B 102 -9.35 1.17 12.13
C THR B 102 -10.10 -0.14 11.88
N LEU B 103 -11.44 -0.10 11.77
CA LEU B 103 -12.16 -1.31 11.39
C LEU B 103 -12.46 -1.15 9.92
N PRO B 104 -11.96 -2.08 9.04
CA PRO B 104 -12.23 -1.91 7.62
C PRO B 104 -13.69 -2.04 7.30
N GLY B 105 -14.07 -1.35 6.22
CA GLY B 105 -15.33 -1.54 5.53
C GLY B 105 -15.07 -2.56 4.44
N ILE B 106 -15.94 -2.57 3.46
CA ILE B 106 -15.88 -3.58 2.41
C ILE B 106 -16.17 -3.00 1.05
N PHE B 107 -15.40 -3.40 0.04
CA PHE B 107 -15.75 -3.10 -1.35
C PHE B 107 -16.44 -4.37 -1.84
N LYS B 108 -17.69 -4.26 -2.35
CA LYS B 108 -18.38 -5.40 -2.92
C LYS B 108 -18.26 -5.31 -4.44
N THR B 109 -17.70 -6.33 -5.06
CA THR B 109 -17.52 -6.32 -6.52
C THR B 109 -18.20 -7.54 -7.18
N LYS B 110 -18.28 -7.56 -8.52
CA LYS B 110 -18.86 -8.72 -9.21
C LYS B 110 -18.01 -9.99 -9.01
N ASP B 111 -16.74 -9.84 -8.62
CA ASP B 111 -15.82 -10.93 -8.41
C ASP B 111 -15.51 -11.23 -6.96
N GLY B 112 -16.28 -10.67 -6.03
CA GLY B 112 -16.03 -10.92 -4.62
C GLY B 112 -15.83 -9.64 -3.84
N ASP B 113 -15.81 -9.79 -2.52
CA ASP B 113 -15.64 -8.69 -1.58
C ASP B 113 -14.18 -8.56 -1.14
N ILE B 114 -13.77 -7.31 -0.91
CA ILE B 114 -12.41 -6.94 -0.49
C ILE B 114 -12.55 -6.00 0.72
N GLY B 115 -11.66 -6.08 1.71
CA GLY B 115 -11.68 -5.10 2.80
C GLY B 115 -11.27 -3.73 2.27
N ALA B 116 -11.66 -2.67 2.95
CA ALA B 116 -11.33 -1.31 2.53
C ALA B 116 -11.11 -0.41 3.74
N VAL B 117 -10.19 0.54 3.67
CA VAL B 117 -9.87 1.39 4.81
C VAL B 117 -10.20 2.87 4.49
N ALA B 118 -11.04 3.50 5.38
CA ALA B 118 -11.50 4.86 5.14
C ALA B 118 -10.62 5.85 5.89
N LEU B 119 -9.38 6.03 5.38
CA LEU B 119 -8.40 6.92 5.98
C LEU B 119 -7.84 7.78 4.86
N ASP B 120 -7.67 9.08 5.14
CA ASP B 120 -7.22 10.05 4.15
C ASP B 120 -5.81 10.56 4.37
N TYR B 121 -4.95 10.37 3.37
CA TYR B 121 -3.56 10.81 3.40
C TYR B 121 -3.13 11.37 2.03
N PRO B 122 -2.00 12.13 1.96
CA PRO B 122 -1.49 12.59 0.65
C PRO B 122 -1.18 11.41 -0.27
N ALA B 123 -1.28 11.64 -1.59
CA ALA B 123 -1.05 10.62 -2.61
C ALA B 123 0.31 9.89 -2.48
N GLY B 124 1.35 10.60 -1.99
CA GLY B 124 2.67 10.01 -1.78
C GLY B 124 2.73 9.01 -0.63
N THR B 125 1.59 8.75 0.06
CA THR B 125 1.46 7.74 1.10
C THR B 125 1.11 6.34 0.50
N SER B 126 0.78 6.30 -0.79
CA SER B 126 0.39 5.04 -1.46
C SER B 126 1.48 3.98 -1.32
N GLY B 127 1.07 2.73 -1.05
CA GLY B 127 2.05 1.68 -0.81
C GLY B 127 2.25 1.42 0.66
N SER B 128 1.71 2.33 1.54
CA SER B 128 1.88 2.09 2.98
C SER B 128 1.16 0.76 3.34
N PRO B 129 1.76 -0.04 4.23
CA PRO B 129 1.16 -1.34 4.53
C PRO B 129 0.05 -1.31 5.55
N ILE B 130 -0.89 -2.24 5.40
CA ILE B 130 -1.99 -2.44 6.37
C ILE B 130 -1.63 -3.77 7.06
N LEU B 131 -1.71 -3.80 8.38
CA LEU B 131 -1.26 -4.93 9.19
C LEU B 131 -2.33 -5.54 10.05
N ASP B 132 -2.20 -6.83 10.31
CA ASP B 132 -3.06 -7.47 11.32
C ASP B 132 -2.37 -7.43 12.71
N LYS B 133 -3.03 -8.04 13.72
CA LYS B 133 -2.51 -8.02 15.09
C LYS B 133 -1.24 -8.81 15.31
N CYS B 134 -0.85 -9.67 14.35
CA CYS B 134 0.42 -10.38 14.40
C CYS B 134 1.55 -9.60 13.70
N GLY B 135 1.26 -8.40 13.19
CA GLY B 135 2.23 -7.61 12.47
C GLY B 135 2.40 -8.05 11.03
N ARG B 136 1.52 -8.93 10.53
CA ARG B 136 1.60 -9.40 9.12
C ARG B 136 0.96 -8.43 8.17
N VAL B 137 1.59 -8.23 6.97
CA VAL B 137 1.03 -7.29 6.02
C VAL B 137 -0.12 -7.92 5.26
N ILE B 138 -1.34 -7.41 5.43
CA ILE B 138 -2.52 -7.98 4.74
C ILE B 138 -2.86 -7.29 3.45
N GLY B 139 -2.10 -6.24 3.10
CA GLY B 139 -2.25 -5.51 1.84
C GLY B 139 -1.62 -4.14 1.93
N LEU B 140 -1.69 -3.44 0.80
CA LEU B 140 -1.13 -2.09 0.67
C LEU B 140 -2.28 -1.04 0.44
N TYR B 141 -2.09 0.17 0.98
CA TYR B 141 -3.05 1.23 0.90
C TYR B 141 -2.73 2.13 -0.28
N GLY B 142 -3.73 2.63 -1.01
CA GLY B 142 -3.45 3.65 -2.01
C GLY B 142 -4.16 3.48 -3.32
N ASN B 143 -5.00 2.41 -3.47
CA ASN B 143 -5.83 2.30 -4.68
C ASN B 143 -7.28 2.17 -4.21
N GLY B 144 -8.08 3.15 -4.58
CA GLY B 144 -9.43 3.23 -4.04
C GLY B 144 -10.34 4.18 -4.75
N VAL B 145 -11.31 4.76 -3.98
CA VAL B 145 -12.30 5.61 -4.59
C VAL B 145 -12.63 6.82 -3.73
N VAL B 146 -13.24 7.83 -4.35
CA VAL B 146 -13.71 9.04 -3.66
C VAL B 146 -15.21 8.89 -3.53
N ILE B 147 -15.73 9.03 -2.30
CA ILE B 147 -17.16 8.83 -2.06
C ILE B 147 -17.95 10.17 -2.00
N LYS B 148 -19.30 10.11 -1.92
CA LYS B 148 -20.22 11.25 -1.90
C LYS B 148 -19.71 12.53 -1.25
N ASN B 149 -19.15 12.44 -0.04
CA ASN B 149 -18.69 13.60 0.72
C ASN B 149 -17.27 14.12 0.38
N GLY B 150 -16.66 13.59 -0.66
CA GLY B 150 -15.30 13.99 -1.06
C GLY B 150 -14.18 13.24 -0.35
N SER B 151 -14.54 12.32 0.58
CA SER B 151 -13.57 11.55 1.35
C SER B 151 -13.03 10.33 0.56
N TYR B 152 -11.87 9.82 0.99
CA TYR B 152 -11.21 8.68 0.32
C TYR B 152 -11.36 7.33 1.02
N VAL B 153 -11.56 6.26 0.24
CA VAL B 153 -11.61 4.93 0.80
C VAL B 153 -10.68 4.07 -0.06
N SER B 154 -9.69 3.48 0.59
CA SER B 154 -8.72 2.62 -0.13
C SER B 154 -9.08 1.15 -0.04
N ALA B 155 -8.87 0.34 -1.10
CA ALA B 155 -8.99 -1.09 -0.98
C ALA B 155 -7.83 -1.58 -0.12
N ILE B 156 -7.98 -2.75 0.50
CA ILE B 156 -6.83 -3.41 1.13
C ILE B 156 -6.30 -4.30 -0.04
N THR B 157 -5.25 -3.81 -0.78
CA THR B 157 -4.83 -4.57 -1.98
C THR B 157 -3.75 -5.58 -1.62
N GLN B 158 -4.02 -6.88 -1.85
CA GLN B 158 -3.04 -7.92 -1.57
C GLN B 158 -2.74 -8.71 -2.87
N GLY B 159 -1.50 -9.16 -3.00
CA GLY B 159 -1.06 -9.99 -4.12
C GLY B 159 -1.24 -11.47 -3.83
N LYS B 160 -0.70 -12.31 -4.70
CA LYS B 160 -0.77 -13.75 -4.52
C LYS B 160 0.66 -14.28 -4.41
N ARG B 161 0.94 -15.10 -3.39
CA ARG B 161 2.27 -15.67 -3.24
C ARG B 161 2.26 -17.02 -4.01
N GLU B 162 2.96 -17.07 -5.16
CA GLU B 162 3.02 -18.25 -6.01
C GLU B 162 3.82 -19.38 -5.33
S DMS C . 9.28 2.34 -17.34
O DMS C . 8.98 0.97 -16.79
C1 DMS C . 10.80 3.00 -16.66
C2 DMS C . 8.27 3.58 -16.49
S DMS D . -4.73 3.47 -10.50
O DMS D . -4.58 2.11 -9.90
C1 DMS D . -3.64 3.59 -11.95
C2 DMS D . -3.79 4.68 -9.55
N1 ZUC E . -5.60 10.46 -1.65
C4 ZUC E . -3.35 7.18 -3.00
C5 ZUC E . -3.28 7.53 -1.67
C6 ZUC E . -4.01 8.61 -1.20
C7 ZUC E . -4.82 9.34 -2.08
C8 ZUC E . -6.27 10.58 -0.47
C10 ZUC E . -7.34 12.51 0.70
C13 ZUC E . -8.23 11.92 -1.41
C1 ZUC E . -5.72 9.78 -4.42
C2 ZUC E . -4.88 9.01 -3.44
C3 ZUC E . -4.13 7.91 -3.88
O1 ZUC E . -4.16 8.72 0.14
O2 ZUC E . -6.14 9.82 0.48
C9 ZUC E . -7.29 11.69 -0.43
C11 ZUC E . -8.31 13.48 0.75
N2 ZUC E . -9.23 13.68 -0.21
C12 ZUC E . -9.18 12.90 -1.29
F1 ZUC E . -8.22 11.18 -2.55
#